data_5A2B
#
_entry.id   5A2B
#
_cell.length_a   64.013
_cell.length_b   65.296
_cell.length_c   126.708
_cell.angle_alpha   90.00
_cell.angle_beta   90.00
_cell.angle_gamma   90.00
#
_symmetry.space_group_name_H-M   'P 21 21 21'
#
loop_
_entity.id
_entity.type
_entity.pdbx_description
1 polymer 'ANOXYBACILLUS ALPHA-AMYLASE'
2 branched alpha-D-glucopyranose-(1-4)-alpha-D-glucopyranose
3 non-polymer 'CALCIUM ION'
4 water water
#
_entity_poly.entity_id   1
_entity_poly.type   'polypeptide(L)'
_entity_poly.pdbx_seq_one_letter_code
;MGSSHHHHHHSSGLVPRGSHMASMTGGQQMGRGSKTERTWQDERIYFIMVDRFNNGNPKNDYEVDVHDPKAYHGGDLQGI
IDKLDYIKEMGFTAIWLTPIFANEKGGYHGYWIEDFYKVEEHFGTLDDFKRLVKEAHKRDMKVILDFVVNHTGYNHPWLN
DPAKKDWFHEKKDIFNWANQQEVENGWLFGLPDLAQENPEVKTYLFDVAKWWIQETDIDGYRLDTVKHVPKWFWDEFAKE
VKSVKQDFFLLGEVWHDDPRYVAEYGKHGIDALIDFPFYKEASTIFSNVDQSLEPLYNVWKRNVAFYERPYLLGTFLDNH
DTVRFTRLALQNRINPVTRLKLGLTYLFSAPGIPIMYYGTEIALDGGEDPDNRRLMNFRTDKELIDYVTKLGELRAKLPS
LRRGDFELLYEKDGMALFKRTYEKETTVIAINNTSKTQKVTLDGELEQGKELRGLLAGDLVRSKDGKYDIILDRETAEIY
VLAPKTGLNLEHHHHHH
;
_entity_poly.pdbx_strand_id   A
#
loop_
_chem_comp.id
_chem_comp.type
_chem_comp.name
_chem_comp.formula
CA non-polymer 'CALCIUM ION' 'Ca 2'
GLC D-saccharide, alpha linking alpha-D-glucopyranose 'C6 H12 O6'
#
# COMPACT_ATOMS: atom_id res chain seq x y z
N GLU A 37 5.60 -5.77 -21.47
CA GLU A 37 6.54 -5.08 -20.55
C GLU A 37 5.94 -4.78 -19.16
N ARG A 38 6.72 -5.03 -18.13
CA ARG A 38 6.25 -4.88 -16.74
C ARG A 38 6.27 -3.40 -16.37
N THR A 39 5.16 -2.79 -15.88
CA THR A 39 5.15 -1.37 -15.47
C THR A 39 4.60 -1.31 -14.07
N TRP A 40 4.72 -0.16 -13.39
CA TRP A 40 4.28 -0.09 -12.00
C TRP A 40 2.77 -0.31 -11.83
N GLN A 41 1.98 -0.02 -12.84
CA GLN A 41 0.53 -0.41 -12.87
C GLN A 41 0.24 -1.88 -12.64
N ASP A 42 1.19 -2.71 -13.02
CA ASP A 42 1.07 -4.15 -12.94
C ASP A 42 1.54 -4.77 -11.59
N GLU A 43 2.02 -3.95 -10.68
CA GLU A 43 2.66 -4.46 -9.46
C GLU A 43 1.68 -4.69 -8.32
N ARG A 44 2.05 -5.56 -7.38
CA ARG A 44 1.32 -5.74 -6.17
C ARG A 44 2.32 -5.74 -5.01
N ILE A 45 2.16 -4.80 -4.08
CA ILE A 45 3.04 -4.58 -2.98
C ILE A 45 2.65 -5.18 -1.63
N TYR A 46 3.57 -5.96 -1.03
CA TYR A 46 3.48 -6.43 0.33
C TYR A 46 4.25 -5.46 1.16
N PHE A 47 3.57 -4.95 2.20
CA PHE A 47 4.13 -3.90 3.08
C PHE A 47 4.47 -4.41 4.48
N ILE A 48 5.77 -4.30 4.81
CA ILE A 48 6.36 -4.90 6.00
C ILE A 48 6.92 -3.82 6.92
N MET A 49 6.48 -3.86 8.17
CA MET A 49 7.19 -3.13 9.22
C MET A 49 8.25 -4.11 9.76
N VAL A 50 9.48 -3.83 9.47
CA VAL A 50 10.61 -4.77 9.73
C VAL A 50 10.62 -5.38 11.14
N ASP A 51 10.56 -4.53 12.18
CA ASP A 51 10.66 -5.00 13.54
C ASP A 51 9.49 -5.93 13.94
N ARG A 52 8.37 -5.87 13.18
CA ARG A 52 7.15 -6.57 13.64
C ARG A 52 6.80 -7.73 12.69
N PHE A 53 7.73 -8.02 11.74
CA PHE A 53 7.41 -8.99 10.73
C PHE A 53 7.96 -10.35 11.09
N ASN A 54 9.29 -10.49 11.02
CA ASN A 54 9.88 -11.84 11.31
C ASN A 54 11.31 -11.73 11.91
N ASN A 55 11.46 -12.27 13.12
CA ASN A 55 12.75 -12.30 13.79
C ASN A 55 13.56 -13.49 13.30
N GLY A 56 14.42 -13.26 12.32
CA GLY A 56 15.16 -14.33 11.75
C GLY A 56 16.53 -14.53 12.39
N ASN A 57 16.91 -13.61 13.26
CA ASN A 57 18.19 -13.66 13.95
C ASN A 57 18.06 -13.18 15.41
N PRO A 58 18.02 -14.09 16.37
CA PRO A 58 17.77 -13.64 17.74
C PRO A 58 18.95 -12.91 18.36
N LYS A 59 20.11 -12.90 17.70
CA LYS A 59 21.35 -12.36 18.29
C LYS A 59 21.43 -10.86 18.20
N ASN A 60 20.58 -10.28 17.35
CA ASN A 60 20.51 -8.82 17.23
C ASN A 60 19.33 -8.20 17.97
N ASP A 61 18.80 -8.95 18.91
CA ASP A 61 17.67 -8.56 19.69
C ASP A 61 18.05 -7.67 20.88
N TYR A 62 18.79 -6.60 20.65
CA TYR A 62 19.49 -5.95 21.77
C TYR A 62 18.61 -5.32 22.87
N GLU A 63 17.61 -4.55 22.46
CA GLU A 63 16.74 -3.87 23.41
C GLU A 63 15.34 -4.47 23.25
N VAL A 64 15.26 -5.76 22.89
CA VAL A 64 13.98 -6.34 22.57
C VAL A 64 13.19 -6.59 23.86
N ASP A 65 11.89 -6.23 23.86
CA ASP A 65 10.92 -6.64 24.87
C ASP A 65 9.54 -6.81 24.22
N VAL A 66 9.23 -8.03 23.87
CA VAL A 66 8.00 -8.28 23.11
C VAL A 66 6.75 -8.04 23.95
N HIS A 67 6.94 -7.77 25.26
CA HIS A 67 5.81 -7.52 26.16
C HIS A 67 5.62 -6.06 26.40
N ASP A 68 6.48 -5.25 25.77
CA ASP A 68 6.33 -3.78 25.75
C ASP A 68 5.90 -3.33 24.31
N PRO A 69 4.67 -2.81 24.15
CA PRO A 69 4.27 -2.48 22.78
C PRO A 69 5.05 -1.42 22.12
N LYS A 70 5.86 -0.70 22.91
CA LYS A 70 6.73 0.40 22.38
C LYS A 70 8.20 0.06 22.18
N ALA A 71 8.57 -1.18 22.48
CA ALA A 71 9.96 -1.60 22.36
C ALA A 71 10.17 -2.29 21.02
N TYR A 72 11.42 -2.54 20.62
CA TYR A 72 11.69 -3.49 19.53
C TYR A 72 11.16 -4.90 19.91
N HIS A 73 10.55 -5.57 18.93
CA HIS A 73 10.10 -6.95 19.05
C HIS A 73 10.98 -7.98 18.40
N GLY A 74 11.93 -7.49 17.62
CA GLY A 74 13.07 -8.28 17.13
C GLY A 74 13.03 -8.71 15.68
N GLY A 75 12.04 -8.26 14.93
CA GLY A 75 11.93 -8.62 13.51
C GLY A 75 13.08 -7.94 12.82
N ASP A 76 13.59 -8.60 11.80
CA ASP A 76 14.81 -8.18 11.19
C ASP A 76 14.90 -8.55 9.68
N LEU A 77 16.02 -8.17 9.10
CA LEU A 77 16.23 -8.40 7.66
C LEU A 77 16.42 -9.89 7.31
N GLN A 78 17.07 -10.63 8.20
CA GLN A 78 17.16 -12.06 7.96
C GLN A 78 15.75 -12.66 7.94
N GLY A 79 14.85 -12.16 8.80
CA GLY A 79 13.50 -12.70 8.88
C GLY A 79 12.78 -12.43 7.57
N ILE A 80 13.07 -11.31 6.92
CA ILE A 80 12.46 -11.00 5.64
C ILE A 80 12.95 -11.93 4.55
N ILE A 81 14.26 -12.10 4.48
CA ILE A 81 14.81 -13.03 3.47
C ILE A 81 14.14 -14.39 3.59
N ASP A 82 14.02 -14.84 4.83
CA ASP A 82 13.45 -16.15 5.14
C ASP A 82 12.00 -16.27 4.63
N LYS A 83 11.32 -15.16 4.36
CA LYS A 83 9.87 -15.22 3.98
C LYS A 83 9.65 -14.73 2.57
N LEU A 84 10.75 -14.51 1.82
CA LEU A 84 10.51 -14.05 0.44
C LEU A 84 9.70 -15.03 -0.40
N ASP A 85 9.88 -16.35 -0.22
CA ASP A 85 9.07 -17.28 -0.97
C ASP A 85 7.61 -17.24 -0.52
N TYR A 86 7.37 -17.15 0.77
CA TYR A 86 6.02 -16.97 1.26
C TYR A 86 5.33 -15.79 0.58
N ILE A 87 6.03 -14.67 0.51
CA ILE A 87 5.47 -13.45 -0.07
C ILE A 87 5.21 -13.60 -1.57
N LYS A 88 6.17 -14.14 -2.28
CA LYS A 88 6.04 -14.37 -3.72
C LYS A 88 4.89 -15.34 -4.07
N GLU A 89 4.71 -16.36 -3.28
CA GLU A 89 3.68 -17.37 -3.56
C GLU A 89 2.26 -16.83 -3.41
N MET A 90 2.06 -15.77 -2.61
CA MET A 90 0.78 -15.06 -2.56
C MET A 90 0.57 -14.13 -3.75
N GLY A 91 1.59 -13.99 -4.58
CA GLY A 91 1.52 -13.25 -5.87
C GLY A 91 2.13 -11.84 -5.81
N PHE A 92 2.75 -11.44 -4.69
CA PHE A 92 3.26 -10.03 -4.55
C PHE A 92 4.52 -9.95 -5.36
N THR A 93 4.69 -8.79 -5.97
CA THR A 93 5.73 -8.55 -6.96
C THR A 93 6.73 -7.54 -6.48
N ALA A 94 6.47 -6.99 -5.30
CA ALA A 94 7.31 -5.97 -4.70
C ALA A 94 7.09 -5.90 -3.18
N ILE A 95 8.13 -5.50 -2.46
CA ILE A 95 8.02 -5.29 -1.00
C ILE A 95 8.37 -3.88 -0.68
N TRP A 96 7.60 -3.24 0.19
CA TRP A 96 7.96 -1.98 0.77
C TRP A 96 8.31 -2.29 2.26
N LEU A 97 9.50 -1.88 2.63
CA LEU A 97 10.00 -1.94 3.99
C LEU A 97 9.94 -0.55 4.64
N THR A 98 9.44 -0.53 5.89
CA THR A 98 9.59 0.64 6.75
C THR A 98 11.08 0.99 6.96
N PRO A 99 11.39 2.19 7.46
CA PRO A 99 12.82 2.55 7.22
C PRO A 99 13.82 1.69 7.95
N ILE A 100 14.92 1.39 7.29
CA ILE A 100 15.97 0.56 7.88
C ILE A 100 17.19 1.29 8.48
N PHE A 101 17.20 2.63 8.44
CA PHE A 101 18.33 3.42 8.83
C PHE A 101 18.38 3.49 10.37
N ALA A 102 19.60 3.68 10.89
CA ALA A 102 19.84 3.56 12.31
C ALA A 102 18.98 4.54 13.03
N ASN A 103 18.23 4.05 14.02
CA ASN A 103 17.40 4.88 14.87
C ASN A 103 17.92 5.02 16.29
N GLU A 104 17.51 6.09 16.94
CA GLU A 104 17.73 6.24 18.37
C GLU A 104 16.86 5.26 19.15
N LYS A 105 17.06 5.24 20.47
CA LYS A 105 16.38 4.35 21.39
C LYS A 105 14.89 4.53 21.28
N GLY A 106 14.16 3.43 21.19
CA GLY A 106 12.70 3.48 21.12
C GLY A 106 12.16 3.50 19.65
N GLY A 107 13.05 3.61 18.66
CA GLY A 107 12.64 3.87 17.29
C GLY A 107 12.33 2.59 16.54
N TYR A 108 11.44 1.70 17.09
CA TYR A 108 11.28 0.38 16.53
C TYR A 108 10.71 0.43 15.14
N HIS A 109 9.96 1.49 14.86
CA HIS A 109 9.30 1.67 13.56
C HIS A 109 10.23 2.22 12.48
N GLY A 110 11.37 2.81 12.88
CA GLY A 110 12.38 3.35 11.91
C GLY A 110 12.29 4.86 11.59
N TYR A 111 11.35 5.59 12.18
CA TYR A 111 11.10 6.94 11.76
C TYR A 111 11.84 8.03 12.58
N TRP A 112 12.70 7.59 13.51
CA TRP A 112 13.46 8.49 14.39
C TRP A 112 14.97 8.29 14.13
N ILE A 113 15.36 8.69 12.96
CA ILE A 113 16.67 8.36 12.42
C ILE A 113 17.78 9.07 13.19
N GLU A 114 18.88 8.34 13.44
CA GLU A 114 20.08 8.90 14.05
C GLU A 114 21.28 8.89 13.10
N ASP A 115 21.24 8.03 12.09
CA ASP A 115 22.30 8.03 11.12
C ASP A 115 21.76 7.55 9.81
N PHE A 116 21.62 8.50 8.89
CA PHE A 116 21.13 8.19 7.55
C PHE A 116 21.94 7.21 6.69
N TYR A 117 23.20 6.94 7.06
CA TYR A 117 24.08 6.10 6.25
C TYR A 117 24.34 4.71 6.85
N LYS A 118 23.55 4.29 7.85
CA LYS A 118 23.84 3.08 8.58
C LYS A 118 22.55 2.29 8.65
N VAL A 119 22.68 0.95 8.62
CA VAL A 119 21.52 0.11 8.93
C VAL A 119 21.35 0.03 10.46
N GLU A 120 20.10 0.17 10.92
CA GLU A 120 19.78 -0.01 12.33
C GLU A 120 20.31 -1.40 12.75
N GLU A 121 21.07 -1.45 13.82
CA GLU A 121 21.78 -2.69 14.24
C GLU A 121 20.80 -3.79 14.67
N HIS A 122 19.63 -3.42 15.15
CA HIS A 122 18.63 -4.47 15.43
C HIS A 122 18.27 -5.24 14.18
N PHE A 123 18.34 -4.61 13.03
CA PHE A 123 17.86 -5.25 11.86
C PHE A 123 18.87 -6.06 11.12
N GLY A 124 20.16 -5.73 11.28
CA GLY A 124 21.25 -6.48 10.68
C GLY A 124 22.34 -5.52 10.25
N THR A 125 22.99 -5.87 9.16
CA THR A 125 24.10 -5.14 8.62
C THR A 125 23.78 -4.71 7.20
N LEU A 126 24.60 -3.83 6.71
CA LEU A 126 24.53 -3.50 5.30
C LEU A 126 24.64 -4.71 4.42
N ASP A 127 25.57 -5.59 4.75
CA ASP A 127 25.72 -6.80 3.93
C ASP A 127 24.44 -7.62 3.90
N ASP A 128 23.72 -7.71 5.03
CA ASP A 128 22.45 -8.44 5.06
C ASP A 128 21.42 -7.79 4.16
N PHE A 129 21.40 -6.45 4.14
CA PHE A 129 20.45 -5.73 3.26
C PHE A 129 20.80 -5.94 1.80
N LYS A 130 22.07 -5.93 1.44
CA LYS A 130 22.38 -6.15 0.02
C LYS A 130 21.90 -7.53 -0.40
N ARG A 131 21.95 -8.49 0.52
CA ARG A 131 21.65 -9.85 0.22
C ARG A 131 20.12 -10.01 0.11
N LEU A 132 19.40 -9.23 0.91
CA LEU A 132 17.92 -9.22 0.80
C LEU A 132 17.54 -8.76 -0.60
N VAL A 133 18.21 -7.71 -1.05
CA VAL A 133 17.90 -7.15 -2.33
C VAL A 133 18.20 -8.12 -3.44
N LYS A 134 19.35 -8.78 -3.34
CA LYS A 134 19.72 -9.74 -4.31
C LYS A 134 18.76 -10.91 -4.34
N GLU A 135 18.40 -11.41 -3.17
CA GLU A 135 17.46 -12.49 -3.08
C GLU A 135 16.06 -12.14 -3.64
N ALA A 136 15.64 -10.89 -3.46
CA ALA A 136 14.33 -10.43 -3.97
C ALA A 136 14.41 -10.38 -5.50
N HIS A 137 15.49 -9.84 -6.03
CA HIS A 137 15.59 -9.70 -7.47
C HIS A 137 15.71 -11.04 -8.15
N LYS A 138 16.35 -12.01 -7.52
CA LYS A 138 16.42 -13.35 -8.05
C LYS A 138 14.98 -13.93 -8.23
N ARG A 139 14.05 -13.55 -7.36
CA ARG A 139 12.65 -14.01 -7.50
C ARG A 139 11.77 -12.99 -8.24
N ASP A 140 12.40 -12.07 -8.92
CA ASP A 140 11.75 -11.13 -9.80
C ASP A 140 10.84 -10.16 -9.00
N MET A 141 11.21 -9.91 -7.76
CA MET A 141 10.53 -8.95 -6.91
C MET A 141 11.30 -7.63 -6.72
N LYS A 142 10.57 -6.48 -6.68
CA LYS A 142 11.18 -5.19 -6.48
C LYS A 142 11.23 -4.88 -5.02
N VAL A 143 12.13 -3.98 -4.64
CA VAL A 143 12.30 -3.56 -3.24
C VAL A 143 12.20 -2.04 -3.18
N ILE A 144 11.22 -1.57 -2.38
CA ILE A 144 11.04 -0.13 -2.10
CA ILE A 144 10.99 -0.14 -2.10
C ILE A 144 11.43 0.13 -0.65
N LEU A 145 12.28 1.11 -0.43
CA LEU A 145 12.56 1.52 0.94
C LEU A 145 11.80 2.78 1.34
N ASP A 146 11.35 2.79 2.58
CA ASP A 146 10.79 3.95 3.19
C ASP A 146 11.92 4.91 3.45
N PHE A 147 11.69 6.16 3.08
CA PHE A 147 12.75 7.12 3.00
C PHE A 147 12.27 8.43 3.59
N VAL A 148 13.07 9.00 4.48
CA VAL A 148 12.64 10.17 5.28
C VAL A 148 13.55 11.30 4.93
N VAL A 149 12.94 12.43 4.55
CA VAL A 149 13.71 13.69 4.41
C VAL A 149 13.23 14.85 5.28
N ASN A 150 12.08 14.69 5.92
CA ASN A 150 11.50 15.77 6.63
C ASN A 150 12.17 16.11 8.00
N HIS A 151 12.59 15.09 8.73
CA HIS A 151 13.00 15.26 10.10
C HIS A 151 14.02 14.21 10.50
N THR A 152 14.67 14.48 11.64
CA THR A 152 15.43 13.45 12.31
C THR A 152 14.72 12.94 13.53
N GLY A 153 15.30 11.94 14.15
CA GLY A 153 14.90 11.59 15.49
C GLY A 153 15.07 12.76 16.45
N TYR A 154 14.33 12.67 17.56
CA TYR A 154 14.37 13.67 18.62
C TYR A 154 15.76 13.93 19.16
N ASN A 155 16.63 12.93 19.10
CA ASN A 155 17.92 13.01 19.75
C ASN A 155 19.07 12.86 18.79
N HIS A 156 18.87 13.28 17.56
CA HIS A 156 19.94 13.18 16.55
C HIS A 156 21.08 14.01 17.03
N PRO A 157 22.32 13.53 16.87
CA PRO A 157 23.43 14.37 17.32
C PRO A 157 23.54 15.82 16.77
N TRP A 158 23.04 16.02 15.54
CA TRP A 158 23.16 17.34 14.89
C TRP A 158 22.55 18.46 15.70
N LEU A 159 21.53 18.16 16.51
CA LEU A 159 20.92 19.19 17.35
C LEU A 159 21.85 19.86 18.38
N ASN A 160 22.91 19.15 18.79
CA ASN A 160 23.92 19.70 19.75
C ASN A 160 25.15 20.17 19.02
N ASP A 161 25.06 20.33 17.71
CA ASP A 161 26.20 20.71 16.93
C ASP A 161 25.97 22.10 16.45
N PRO A 162 26.76 23.06 16.95
CA PRO A 162 26.66 24.47 16.54
C PRO A 162 26.86 24.69 15.06
N ALA A 163 27.65 23.84 14.41
CA ALA A 163 27.90 23.99 12.97
C ALA A 163 26.64 23.60 12.20
N LYS A 164 25.65 23.05 12.89
CA LYS A 164 24.40 22.69 12.24
C LYS A 164 23.21 23.40 12.76
N LYS A 165 23.46 24.54 13.33
CA LYS A 165 22.38 25.38 13.82
C LYS A 165 21.34 25.60 12.76
N ASP A 166 21.78 25.92 11.56
CA ASP A 166 20.84 26.35 10.55
C ASP A 166 20.39 25.19 9.71
N TRP A 167 20.59 23.95 10.19
CA TRP A 167 20.08 22.80 9.49
C TRP A 167 18.63 22.51 9.84
N PHE A 168 18.09 23.19 10.84
CA PHE A 168 16.75 22.89 11.30
C PHE A 168 15.95 24.17 11.27
N HIS A 169 14.67 24.05 10.97
CA HIS A 169 13.76 25.18 11.17
C HIS A 169 13.58 25.47 12.66
N GLU A 170 13.21 26.70 12.92
CA GLU A 170 12.85 27.12 14.26
C GLU A 170 11.90 26.10 14.92
N LYS A 171 12.22 25.71 16.14
CA LYS A 171 11.43 24.71 16.83
C LYS A 171 10.08 25.30 17.21
N LYS A 172 9.06 24.90 16.47
CA LYS A 172 7.67 25.13 16.83
C LYS A 172 6.75 24.08 16.26
N ASP A 173 5.69 23.85 17.01
CA ASP A 173 4.52 23.08 16.59
C ASP A 173 3.83 23.66 15.39
N ILE A 174 3.15 22.76 14.71
CA ILE A 174 2.27 23.11 13.63
C ILE A 174 0.93 23.31 14.33
N PHE A 175 0.36 24.50 14.24
CA PHE A 175 -1.03 24.60 14.73
C PHE A 175 -2.05 24.94 13.70
N ASN A 176 -1.76 25.89 12.81
CA ASN A 176 -2.67 26.13 11.69
C ASN A 176 -2.36 25.24 10.47
N TRP A 177 -3.09 24.14 10.36
CA TRP A 177 -2.89 23.15 9.32
C TRP A 177 -3.33 23.63 7.95
N ALA A 178 -4.00 24.77 7.91
CA ALA A 178 -4.50 25.31 6.67
C ALA A 178 -3.46 26.24 6.08
N ASN A 179 -2.35 26.46 6.80
CA ASN A 179 -1.29 27.30 6.34
C ASN A 179 -0.22 26.34 5.89
N GLN A 180 0.02 26.27 4.59
CA GLN A 180 0.83 25.19 4.07
C GLN A 180 2.28 25.44 4.41
N GLN A 181 2.59 26.70 4.66
CA GLN A 181 3.90 27.13 5.14
C GLN A 181 4.21 26.57 6.44
N GLU A 182 3.28 26.72 7.33
CA GLU A 182 3.43 26.24 8.67
C GLU A 182 3.54 24.72 8.67
N VAL A 183 2.75 24.09 7.79
CA VAL A 183 2.80 22.63 7.64
C VAL A 183 4.21 22.18 7.27
N GLU A 184 4.82 22.92 6.34
CA GLU A 184 6.15 22.63 5.83
C GLU A 184 7.30 23.01 6.77
N ASN A 185 7.10 24.03 7.61
CA ASN A 185 8.18 24.55 8.50
C ASN A 185 8.17 24.09 9.93
N GLY A 186 7.03 23.62 10.42
CA GLY A 186 6.87 23.26 11.81
C GLY A 186 7.36 21.83 12.11
N TRP A 187 7.56 21.59 13.41
CA TRP A 187 8.08 20.34 13.92
C TRP A 187 6.92 19.38 14.14
N LEU A 188 6.78 18.41 13.25
CA LEU A 188 5.71 17.46 13.28
C LEU A 188 5.91 16.53 14.49
N PHE A 189 4.94 16.51 15.40
CA PHE A 189 5.03 15.68 16.63
C PHE A 189 6.30 16.05 17.45
N GLY A 190 6.82 17.28 17.36
CA GLY A 190 8.08 17.61 17.97
C GLY A 190 9.30 17.02 17.26
N LEU A 191 9.14 16.48 16.06
CA LEU A 191 10.33 15.93 15.35
C LEU A 191 11.17 17.06 14.75
N PRO A 192 12.49 17.14 15.09
CA PRO A 192 13.35 18.17 14.46
C PRO A 192 13.21 18.28 12.92
N ASP A 193 12.73 19.42 12.48
CA ASP A 193 12.37 19.67 11.10
C ASP A 193 13.51 20.23 10.28
N LEU A 194 14.03 19.39 9.40
CA LEU A 194 15.16 19.73 8.54
C LEU A 194 14.81 20.89 7.62
N ALA A 195 15.82 21.74 7.37
CA ALA A 195 15.61 22.97 6.60
C ALA A 195 16.13 22.77 5.20
N GLN A 196 15.32 22.22 4.29
CA GLN A 196 15.81 21.90 2.93
C GLN A 196 16.23 23.17 2.15
N GLU A 197 15.75 24.34 2.58
CA GLU A 197 16.13 25.63 2.00
C GLU A 197 17.60 25.89 2.12
N ASN A 198 18.25 25.30 3.14
CA ASN A 198 19.70 25.41 3.33
C ASN A 198 20.40 24.47 2.33
N PRO A 199 21.25 25.01 1.43
CA PRO A 199 21.79 24.11 0.39
C PRO A 199 22.67 22.94 0.95
N GLU A 200 23.29 23.14 2.10
CA GLU A 200 23.98 22.04 2.77
C GLU A 200 22.99 20.92 3.15
N VAL A 201 21.78 21.29 3.54
CA VAL A 201 20.83 20.27 3.98
C VAL A 201 20.28 19.49 2.81
N LYS A 202 19.87 20.24 1.81
CA LYS A 202 19.42 19.71 0.56
C LYS A 202 20.45 18.78 -0.10
N THR A 203 21.65 19.26 -0.26
CA THR A 203 22.75 18.43 -0.70
C THR A 203 23.01 17.19 0.17
N TYR A 204 22.98 17.27 1.48
CA TYR A 204 23.19 16.05 2.22
C TYR A 204 22.10 14.97 1.89
N LEU A 205 20.87 15.45 1.72
CA LEU A 205 19.72 14.58 1.54
C LEU A 205 19.78 13.97 0.14
N PHE A 206 20.10 14.77 -0.87
CA PHE A 206 20.27 14.21 -2.21
C PHE A 206 21.38 13.15 -2.22
N ASP A 207 22.53 13.46 -1.62
CA ASP A 207 23.68 12.53 -1.65
C ASP A 207 23.34 11.21 -0.99
N VAL A 208 22.64 11.25 0.15
CA VAL A 208 22.33 10.02 0.85
C VAL A 208 21.22 9.26 0.11
N ALA A 209 20.29 9.99 -0.51
CA ALA A 209 19.29 9.28 -1.40
C ALA A 209 19.97 8.52 -2.55
N LYS A 210 20.99 9.14 -3.14
CA LYS A 210 21.71 8.55 -4.28
C LYS A 210 22.51 7.37 -3.80
N TRP A 211 23.11 7.53 -2.62
CA TRP A 211 24.09 6.57 -2.08
C TRP A 211 23.42 5.24 -1.87
N TRP A 212 22.24 5.23 -1.23
CA TRP A 212 21.60 3.95 -1.04
C TRP A 212 21.27 3.23 -2.37
N ILE A 213 20.87 3.98 -3.38
CA ILE A 213 20.54 3.42 -4.66
C ILE A 213 21.78 2.83 -5.30
N GLN A 214 22.89 3.59 -5.23
CA GLN A 214 24.13 3.14 -5.84
C GLN A 214 24.65 1.93 -5.14
N GLU A 215 24.51 1.88 -3.83
CA GLU A 215 25.16 0.81 -3.06
C GLU A 215 24.37 -0.46 -3.05
N THR A 216 23.04 -0.35 -3.06
CA THR A 216 22.19 -1.50 -2.78
C THR A 216 21.31 -1.94 -3.96
N ASP A 217 21.18 -1.10 -4.97
CA ASP A 217 20.40 -1.39 -6.16
C ASP A 217 18.87 -1.51 -5.90
N ILE A 218 18.39 -0.82 -4.89
CA ILE A 218 16.93 -0.78 -4.66
C ILE A 218 16.17 -0.17 -5.85
N ASP A 219 14.86 -0.48 -5.88
CA ASP A 219 13.99 -0.15 -7.04
C ASP A 219 13.15 1.12 -6.86
N GLY A 220 13.00 1.56 -5.62
CA GLY A 220 12.30 2.77 -5.37
C GLY A 220 12.26 3.18 -3.92
N TYR A 221 11.66 4.36 -3.69
CA TYR A 221 11.47 4.83 -2.34
C TYR A 221 9.95 5.07 -2.15
N ARG A 222 9.52 4.80 -0.93
CA ARG A 222 8.24 5.29 -0.46
C ARG A 222 8.60 6.47 0.37
N LEU A 223 8.14 7.65 -0.03
CA LEU A 223 8.56 8.91 0.60
C LEU A 223 7.64 9.27 1.73
N ASP A 224 8.17 9.24 2.93
CA ASP A 224 7.47 9.67 4.12
C ASP A 224 7.11 11.13 4.12
N THR A 225 5.95 11.49 4.71
CA THR A 225 5.69 12.90 5.13
C THR A 225 5.95 13.93 4.03
N VAL A 226 5.51 13.55 2.83
CA VAL A 226 5.70 14.37 1.63
C VAL A 226 5.12 15.78 1.77
N LYS A 227 3.96 15.93 2.41
CA LYS A 227 3.30 17.25 2.41
C LYS A 227 3.98 18.21 3.39
N HIS A 228 4.85 17.69 4.24
CA HIS A 228 5.62 18.52 5.13
C HIS A 228 6.94 19.04 4.57
N VAL A 229 7.16 18.83 3.30
CA VAL A 229 8.35 19.24 2.64
C VAL A 229 7.95 19.93 1.36
N PRO A 230 8.54 21.13 1.06
CA PRO A 230 8.05 21.94 -0.06
C PRO A 230 8.14 21.24 -1.40
N LYS A 231 7.21 21.57 -2.28
CA LYS A 231 7.12 20.99 -3.63
C LYS A 231 8.37 21.18 -4.48
N TRP A 232 8.99 22.33 -4.45
CA TRP A 232 10.21 22.59 -5.25
C TRP A 232 11.33 21.56 -4.90
N PHE A 233 11.42 21.15 -3.63
CA PHE A 233 12.39 20.12 -3.26
C PHE A 233 12.06 18.79 -3.92
N TRP A 234 10.78 18.42 -3.99
CA TRP A 234 10.43 17.18 -4.67
C TRP A 234 10.90 17.14 -6.16
N ASP A 235 10.83 18.26 -6.87
CA ASP A 235 11.24 18.29 -8.28
C ASP A 235 12.73 17.99 -8.36
N GLU A 236 13.51 18.63 -7.50
CA GLU A 236 14.93 18.39 -7.55
C GLU A 236 15.28 17.02 -7.10
N PHE A 237 14.56 16.53 -6.07
CA PHE A 237 14.86 15.27 -5.48
C PHE A 237 14.69 14.21 -6.54
N ALA A 238 13.57 14.26 -7.28
CA ALA A 238 13.30 13.29 -8.31
C ALA A 238 14.36 13.26 -9.42
N LYS A 239 14.79 14.43 -9.85
CA LYS A 239 15.86 14.56 -10.84
C LYS A 239 17.12 13.84 -10.33
N GLU A 240 17.48 14.08 -9.06
CA GLU A 240 18.71 13.49 -8.45
C GLU A 240 18.64 11.97 -8.39
N VAL A 241 17.58 11.41 -7.84
CA VAL A 241 17.50 9.94 -7.77
C VAL A 241 17.44 9.25 -9.15
N LYS A 242 16.74 9.86 -10.10
CA LYS A 242 16.66 9.27 -11.45
C LYS A 242 17.94 9.45 -12.26
N SER A 243 18.82 10.37 -11.85
CA SER A 243 20.10 10.50 -12.46
C SER A 243 20.94 9.27 -12.13
N VAL A 244 20.60 8.55 -11.07
CA VAL A 244 21.38 7.37 -10.71
C VAL A 244 20.74 6.13 -11.33
N LYS A 245 19.43 6.11 -11.40
CA LYS A 245 18.72 5.04 -12.01
C LYS A 245 17.49 5.65 -12.63
N GLN A 246 17.47 5.67 -13.96
CA GLN A 246 16.42 6.36 -14.69
C GLN A 246 15.01 5.84 -14.40
N ASP A 247 14.82 4.57 -14.19
CA ASP A 247 13.46 4.11 -13.92
C ASP A 247 13.12 4.06 -12.39
N PHE A 248 13.88 4.74 -11.54
CA PHE A 248 13.69 4.65 -10.11
C PHE A 248 12.28 5.08 -9.82
N PHE A 249 11.65 4.40 -8.90
CA PHE A 249 10.22 4.63 -8.63
C PHE A 249 10.01 5.34 -7.32
N LEU A 250 9.27 6.45 -7.38
CA LEU A 250 8.87 7.19 -6.19
C LEU A 250 7.35 7.07 -5.87
N LEU A 251 7.04 6.66 -4.64
CA LEU A 251 5.67 6.55 -4.14
C LEU A 251 5.54 7.50 -2.97
N GLY A 252 4.76 8.57 -3.11
CA GLY A 252 4.64 9.57 -2.05
C GLY A 252 3.53 9.40 -1.07
N GLU A 253 3.85 9.48 0.22
CA GLU A 253 2.87 9.52 1.27
C GLU A 253 2.48 11.01 1.46
N VAL A 254 1.31 11.39 0.89
CA VAL A 254 0.71 12.68 1.13
C VAL A 254 -0.53 12.41 1.96
N TRP A 255 -0.40 12.64 3.27
CA TRP A 255 -1.48 12.34 4.20
C TRP A 255 -2.58 13.38 4.10
N HIS A 256 -3.58 13.12 3.27
CA HIS A 256 -4.74 13.98 3.10
C HIS A 256 -5.85 13.21 2.38
N ASP A 257 -7.10 13.54 2.69
CA ASP A 257 -8.24 12.89 1.99
C ASP A 257 -8.84 13.62 0.79
N ASP A 258 -8.26 14.76 0.44
CA ASP A 258 -8.76 15.50 -0.71
C ASP A 258 -7.85 15.17 -1.90
N PRO A 259 -8.40 14.54 -2.93
CA PRO A 259 -7.51 14.14 -4.01
C PRO A 259 -6.98 15.35 -4.78
N ARG A 260 -7.67 16.49 -4.77
CA ARG A 260 -7.09 17.68 -5.35
C ARG A 260 -5.77 18.12 -4.69
N TYR A 261 -5.63 17.94 -3.36
CA TYR A 261 -4.44 18.31 -2.63
C TYR A 261 -3.36 17.28 -2.95
N VAL A 262 -3.76 16.02 -2.94
CA VAL A 262 -2.82 14.89 -3.08
C VAL A 262 -2.22 14.95 -4.47
N ALA A 263 -3.10 15.18 -5.47
CA ALA A 263 -2.73 15.10 -6.87
C ALA A 263 -1.68 16.06 -7.29
N GLU A 264 -1.67 17.23 -6.65
CA GLU A 264 -0.65 18.23 -6.99
C GLU A 264 0.79 17.70 -6.88
N TYR A 265 1.04 16.80 -5.96
CA TYR A 265 2.42 16.31 -5.75
C TYR A 265 2.89 15.43 -6.88
N GLY A 266 1.93 14.90 -7.63
CA GLY A 266 2.16 14.18 -8.86
C GLY A 266 2.85 15.00 -9.92
N LYS A 267 2.66 16.32 -9.81
CA LYS A 267 3.21 17.21 -10.80
C LYS A 267 4.60 17.64 -10.45
N HIS A 268 5.15 17.16 -9.33
CA HIS A 268 6.50 17.54 -8.92
C HIS A 268 7.42 16.37 -8.78
N GLY A 269 7.27 15.46 -9.72
CA GLY A 269 8.28 14.40 -9.92
C GLY A 269 8.03 13.10 -9.18
N ILE A 270 6.92 13.03 -8.43
CA ILE A 270 6.62 11.84 -7.68
C ILE A 270 5.68 10.98 -8.56
N ASP A 271 6.08 9.75 -8.90
CA ASP A 271 5.41 8.97 -9.93
C ASP A 271 4.05 8.54 -9.44
N ALA A 272 4.03 8.03 -8.21
CA ALA A 272 2.85 7.42 -7.62
C ALA A 272 2.57 8.01 -6.26
N LEU A 273 1.29 7.96 -5.89
CA LEU A 273 0.84 8.53 -4.64
C LEU A 273 0.02 7.52 -3.90
N ILE A 274 0.12 7.57 -2.58
CA ILE A 274 -0.70 6.72 -1.71
C ILE A 274 -2.18 7.23 -1.77
N ASP A 275 -3.16 6.37 -2.06
CA ASP A 275 -4.55 6.79 -2.28
C ASP A 275 -5.34 6.78 -0.95
N PHE A 276 -5.12 7.83 -0.13
CA PHE A 276 -5.92 7.96 1.05
C PHE A 276 -7.44 8.06 0.79
N PRO A 277 -7.82 8.79 -0.25
CA PRO A 277 -9.29 8.84 -0.53
C PRO A 277 -9.88 7.47 -0.79
N PHE A 278 -9.16 6.62 -1.53
CA PHE A 278 -9.56 5.21 -1.67
C PHE A 278 -9.67 4.51 -0.31
N TYR A 279 -8.64 4.61 0.48
CA TYR A 279 -8.60 3.93 1.78
C TYR A 279 -9.75 4.36 2.65
N LYS A 280 -10.06 5.63 2.63
CA LYS A 280 -11.10 6.15 3.55
C LYS A 280 -12.45 5.52 3.26
N GLU A 281 -12.73 5.40 1.95
CA GLU A 281 -13.96 4.70 1.56
C GLU A 281 -13.89 3.18 1.70
N ALA A 282 -12.83 2.57 1.22
CA ALA A 282 -12.75 1.11 1.29
C ALA A 282 -12.76 0.51 2.68
N SER A 283 -12.01 1.10 3.58
CA SER A 283 -12.00 0.64 4.96
C SER A 283 -13.42 0.61 5.58
N THR A 284 -14.16 1.70 5.41
CA THR A 284 -15.51 1.84 5.92
C THR A 284 -16.48 0.89 5.26
N ILE A 285 -16.54 0.92 3.91
CA ILE A 285 -17.52 0.19 3.15
C ILE A 285 -17.41 -1.28 3.40
N PHE A 286 -16.17 -1.78 3.35
CA PHE A 286 -16.04 -3.23 3.43
C PHE A 286 -16.03 -3.80 4.83
N SER A 287 -15.90 -2.94 5.84
CA SER A 287 -15.87 -3.44 7.18
C SER A 287 -17.28 -3.66 7.72
N ASN A 288 -18.31 -3.42 6.91
CA ASN A 288 -19.70 -3.82 7.31
C ASN A 288 -20.57 -4.13 6.09
N VAL A 289 -21.55 -5.02 6.31
CA VAL A 289 -22.44 -5.48 5.26
C VAL A 289 -23.48 -4.39 4.99
N ASP A 290 -24.20 -4.55 3.87
CA ASP A 290 -25.26 -3.64 3.41
C ASP A 290 -24.79 -2.21 3.31
N GLN A 291 -23.63 -1.97 2.70
CA GLN A 291 -23.15 -0.59 2.48
C GLN A 291 -22.75 -0.46 1.03
N SER A 292 -23.17 0.64 0.45
CA SER A 292 -23.05 0.90 -1.00
C SER A 292 -21.54 1.06 -1.38
N LEU A 293 -21.18 0.46 -2.54
CA LEU A 293 -19.82 0.56 -3.10
C LEU A 293 -19.69 1.78 -4.00
N GLU A 294 -20.78 2.49 -4.23
CA GLU A 294 -20.70 3.61 -5.15
C GLU A 294 -19.59 4.70 -4.86
N PRO A 295 -19.29 5.01 -3.60
CA PRO A 295 -18.25 5.98 -3.33
C PRO A 295 -16.92 5.58 -3.87
N LEU A 296 -16.65 4.27 -3.95
CA LEU A 296 -15.36 3.84 -4.53
C LEU A 296 -15.26 4.15 -6.05
N TYR A 297 -16.38 4.10 -6.74
CA TYR A 297 -16.45 4.38 -8.18
C TYR A 297 -16.23 5.90 -8.33
N ASN A 298 -16.84 6.71 -7.44
CA ASN A 298 -16.55 8.16 -7.52
C ASN A 298 -15.08 8.47 -7.23
N VAL A 299 -14.44 7.69 -6.34
CA VAL A 299 -12.98 7.87 -6.12
C VAL A 299 -12.23 7.72 -7.46
N TRP A 300 -12.59 6.66 -8.21
CA TRP A 300 -11.96 6.39 -9.50
C TRP A 300 -12.20 7.54 -10.49
N LYS A 301 -13.44 8.00 -10.60
CA LYS A 301 -13.68 9.10 -11.57
C LYS A 301 -12.88 10.34 -11.22
N ARG A 302 -12.79 10.60 -9.94
CA ARG A 302 -12.06 11.73 -9.48
C ARG A 302 -10.55 11.54 -9.66
N ASN A 303 -10.06 10.33 -9.50
CA ASN A 303 -8.71 10.03 -9.87
C ASN A 303 -8.39 10.32 -11.32
N VAL A 304 -9.28 9.95 -12.23
CA VAL A 304 -9.09 10.20 -13.67
C VAL A 304 -9.12 11.70 -13.86
N ALA A 305 -10.06 12.36 -13.23
CA ALA A 305 -10.11 13.85 -13.39
C ALA A 305 -8.91 14.63 -12.88
N PHE A 306 -8.28 14.20 -11.80
CA PHE A 306 -7.26 15.04 -11.15
C PHE A 306 -5.80 14.65 -11.32
N TYR A 307 -5.52 13.38 -11.52
CA TYR A 307 -4.14 12.90 -11.49
C TYR A 307 -3.67 12.64 -12.93
N GLU A 308 -2.40 12.96 -13.22
CA GLU A 308 -1.87 12.68 -14.54
C GLU A 308 -1.71 11.16 -14.77
N ARG A 309 -1.48 10.39 -13.68
CA ARG A 309 -1.22 8.95 -13.76
C ARG A 309 -2.15 8.24 -12.79
N PRO A 310 -3.41 8.16 -13.17
CA PRO A 310 -4.40 7.68 -12.22
C PRO A 310 -4.31 6.19 -11.91
N TYR A 311 -3.57 5.35 -12.67
CA TYR A 311 -3.35 3.97 -12.26
C TYR A 311 -2.21 3.84 -11.23
N LEU A 312 -1.33 4.85 -11.11
CA LEU A 312 -0.24 4.83 -10.13
C LEU A 312 -0.67 5.43 -8.81
N LEU A 313 -1.65 4.81 -8.22
CA LEU A 313 -2.17 5.22 -6.96
C LEU A 313 -2.23 3.98 -6.09
N GLY A 314 -1.62 4.05 -4.92
CA GLY A 314 -1.49 2.98 -3.95
C GLY A 314 -2.79 2.74 -3.18
N THR A 315 -3.37 1.58 -3.38
CA THR A 315 -4.66 1.23 -2.78
C THR A 315 -4.48 0.32 -1.57
N PHE A 316 -5.34 0.46 -0.57
CA PHE A 316 -5.14 -0.28 0.71
C PHE A 316 -6.36 -0.21 1.58
N LEU A 317 -6.52 -1.23 2.42
CA LEU A 317 -7.57 -1.23 3.40
C LEU A 317 -7.21 -0.74 4.77
N ASP A 318 -5.88 -0.76 5.07
CA ASP A 318 -5.34 -0.35 6.36
C ASP A 318 -3.83 -0.20 6.17
N ASN A 319 -3.17 0.41 7.13
CA ASN A 319 -1.73 0.48 7.13
C ASN A 319 -1.22 0.65 8.59
N HIS A 320 0.07 0.94 8.70
CA HIS A 320 0.74 1.05 9.98
C HIS A 320 0.33 2.25 10.82
N ASP A 321 -0.43 3.17 10.23
CA ASP A 321 -0.86 4.37 10.86
C ASP A 321 -2.39 4.31 11.14
N THR A 322 -3.03 3.19 10.84
CA THR A 322 -4.53 3.06 11.02
C THR A 322 -4.89 1.91 11.89
N VAL A 323 -6.09 1.95 12.47
CA VAL A 323 -6.68 0.76 13.06
C VAL A 323 -6.69 -0.36 12.03
N ARG A 324 -6.45 -1.61 12.47
CA ARG A 324 -6.49 -2.71 11.55
C ARG A 324 -7.85 -2.92 10.94
N PHE A 325 -7.92 -3.24 9.65
CA PHE A 325 -9.24 -3.58 9.07
C PHE A 325 -9.96 -4.66 9.85
N THR A 326 -9.23 -5.70 10.33
CA THR A 326 -9.87 -6.66 11.21
C THR A 326 -10.59 -6.07 12.42
N ARG A 327 -9.97 -5.08 13.03
CA ARG A 327 -10.53 -4.47 14.18
C ARG A 327 -11.78 -3.69 13.82
N LEU A 328 -11.79 -3.06 12.64
CA LEU A 328 -13.05 -2.42 12.22
C LEU A 328 -14.21 -3.41 12.12
N ALA A 329 -13.96 -4.58 11.52
CA ALA A 329 -14.96 -5.63 11.52
C ALA A 329 -15.44 -6.03 12.93
N LEU A 330 -14.47 -6.28 13.79
CA LEU A 330 -14.80 -6.71 15.18
C LEU A 330 -15.66 -5.68 15.92
N GLN A 331 -15.29 -4.41 15.79
CA GLN A 331 -16.14 -3.30 16.30
C GLN A 331 -17.59 -3.33 15.78
N ASN A 332 -17.74 -3.75 14.54
CA ASN A 332 -19.01 -3.94 13.89
C ASN A 332 -19.70 -5.28 14.23
N ARG A 333 -19.03 -6.12 15.02
N ARG A 333 -19.03 -6.12 15.04
CA ARG A 333 -19.57 -7.37 15.55
CA ARG A 333 -19.60 -7.36 15.56
C ARG A 333 -19.91 -8.30 14.43
C ARG A 333 -19.95 -8.26 14.39
N ILE A 334 -19.00 -8.36 13.47
CA ILE A 334 -19.19 -9.08 12.20
C ILE A 334 -17.89 -9.83 11.84
N ASN A 335 -18.05 -10.95 11.18
CA ASN A 335 -16.91 -11.81 10.88
C ASN A 335 -15.84 -11.10 9.95
N PRO A 336 -14.64 -10.87 10.47
CA PRO A 336 -13.54 -10.22 9.78
C PRO A 336 -13.11 -10.98 8.54
N VAL A 337 -13.18 -12.31 8.54
CA VAL A 337 -12.79 -13.04 7.33
C VAL A 337 -13.66 -12.77 6.10
N THR A 338 -14.97 -12.74 6.30
CA THR A 338 -15.86 -12.49 5.24
C THR A 338 -15.68 -11.06 4.77
N ARG A 339 -15.50 -10.12 5.69
CA ARG A 339 -15.23 -8.74 5.33
C ARG A 339 -13.98 -8.60 4.44
N LEU A 340 -12.87 -9.25 4.86
CA LEU A 340 -11.62 -9.23 4.16
C LEU A 340 -11.75 -9.83 2.79
N LYS A 341 -12.52 -10.91 2.64
CA LYS A 341 -12.68 -11.50 1.31
C LYS A 341 -13.28 -10.45 0.38
N LEU A 342 -14.33 -9.77 0.85
CA LEU A 342 -14.98 -8.75 -0.03
C LEU A 342 -14.04 -7.57 -0.33
N GLY A 343 -13.40 -7.06 0.73
CA GLY A 343 -12.52 -5.91 0.53
C GLY A 343 -11.30 -6.22 -0.37
N LEU A 344 -10.68 -7.38 -0.14
CA LEU A 344 -9.54 -7.78 -0.91
C LEU A 344 -9.91 -8.03 -2.39
N THR A 345 -11.08 -8.59 -2.64
CA THR A 345 -11.49 -8.78 -3.99
C THR A 345 -11.57 -7.45 -4.71
N TYR A 346 -12.12 -6.41 -4.07
CA TYR A 346 -12.13 -5.04 -4.67
C TYR A 346 -10.68 -4.51 -4.91
N LEU A 347 -9.84 -4.61 -3.88
CA LEU A 347 -8.50 -4.14 -3.95
C LEU A 347 -7.75 -4.74 -5.14
N PHE A 348 -7.88 -6.07 -5.30
CA PHE A 348 -7.16 -6.79 -6.33
C PHE A 348 -7.86 -6.72 -7.73
N SER A 349 -9.06 -6.13 -7.82
CA SER A 349 -9.70 -6.03 -9.10
C SER A 349 -9.93 -4.59 -9.59
N ALA A 350 -9.81 -3.62 -8.70
CA ALA A 350 -10.01 -2.20 -9.10
C ALA A 350 -8.69 -1.56 -9.60
N PRO A 351 -8.76 -0.36 -10.17
CA PRO A 351 -7.57 0.31 -10.60
C PRO A 351 -6.66 0.71 -9.43
N GLY A 352 -5.39 0.75 -9.70
CA GLY A 352 -4.32 1.24 -8.80
C GLY A 352 -3.23 0.19 -8.57
N ILE A 353 -2.47 0.37 -7.52
CA ILE A 353 -1.43 -0.59 -7.10
C ILE A 353 -1.78 -1.08 -5.72
N PRO A 354 -2.29 -2.32 -5.61
CA PRO A 354 -2.67 -2.80 -4.30
C PRO A 354 -1.46 -2.84 -3.37
N ILE A 355 -1.67 -2.44 -2.13
CA ILE A 355 -0.65 -2.48 -1.12
C ILE A 355 -1.29 -3.20 0.06
N MET A 356 -0.80 -4.41 0.39
CA MET A 356 -1.30 -5.17 1.53
C MET A 356 -0.36 -5.20 2.67
N TYR A 357 -0.82 -4.70 3.78
CA TYR A 357 -0.10 -4.63 4.99
C TYR A 357 0.09 -6.03 5.56
N TYR A 358 1.33 -6.32 5.99
CA TYR A 358 1.66 -7.64 6.53
C TYR A 358 0.60 -8.02 7.59
N GLY A 359 0.15 -9.26 7.58
CA GLY A 359 -0.88 -9.66 8.53
C GLY A 359 -2.31 -9.59 8.10
N THR A 360 -2.60 -8.81 7.09
CA THR A 360 -3.91 -8.85 6.47
C THR A 360 -4.32 -10.26 6.16
N GLU A 361 -3.39 -11.08 5.67
CA GLU A 361 -3.70 -12.41 5.17
C GLU A 361 -3.98 -13.41 6.28
N ILE A 362 -3.89 -12.98 7.54
CA ILE A 362 -4.26 -13.78 8.67
C ILE A 362 -5.35 -13.08 9.57
N ALA A 363 -6.04 -12.07 9.06
CA ALA A 363 -6.94 -11.25 9.84
C ALA A 363 -6.34 -10.81 11.16
N LEU A 364 -5.13 -10.21 11.08
CA LEU A 364 -4.43 -9.78 12.29
C LEU A 364 -5.16 -8.59 12.91
N ASP A 365 -5.56 -8.74 14.15
CA ASP A 365 -6.32 -7.70 14.88
C ASP A 365 -5.31 -6.63 15.31
N GLY A 366 -5.87 -5.48 15.67
CA GLY A 366 -5.15 -4.42 16.32
C GLY A 366 -5.84 -3.07 16.23
N GLY A 367 -5.76 -2.36 17.36
CA GLY A 367 -6.27 -1.01 17.44
C GLY A 367 -5.27 0.00 17.00
N GLU A 368 -5.42 1.22 17.49
CA GLU A 368 -4.48 2.27 17.13
C GLU A 368 -3.01 2.00 17.43
N ASP A 369 -2.16 2.60 16.65
CA ASP A 369 -0.72 2.53 16.87
C ASP A 369 -0.40 2.63 18.38
N PRO A 370 0.31 1.72 19.00
CA PRO A 370 1.11 0.74 18.34
C PRO A 370 0.49 -0.63 18.22
N ASP A 371 -0.80 -0.78 18.57
CA ASP A 371 -1.43 -2.10 18.63
C ASP A 371 -1.73 -2.66 17.25
N ASN A 372 -1.61 -1.81 16.22
CA ASN A 372 -1.78 -2.19 14.84
C ASN A 372 -0.45 -2.68 14.22
N ARG A 373 0.53 -2.95 15.05
CA ARG A 373 1.83 -3.48 14.64
C ARG A 373 2.29 -4.72 15.42
N ARG A 374 1.40 -5.67 15.58
CA ARG A 374 1.66 -6.89 16.29
C ARG A 374 2.66 -7.76 15.46
N LEU A 375 3.43 -8.57 16.16
CA LEU A 375 4.29 -9.51 15.47
C LEU A 375 3.49 -10.42 14.63
N MET A 376 3.95 -10.65 13.43
CA MET A 376 3.31 -11.55 12.51
C MET A 376 3.28 -13.00 13.08
N ASN A 377 2.25 -13.76 12.69
CA ASN A 377 2.09 -15.11 13.13
C ASN A 377 2.06 -15.93 11.85
N PHE A 378 2.96 -16.90 11.70
CA PHE A 378 3.00 -17.69 10.44
C PHE A 378 2.40 -19.06 10.61
N ARG A 379 1.81 -19.29 11.76
CA ARG A 379 1.28 -20.58 12.10
C ARG A 379 -0.26 -20.59 12.19
N THR A 380 -0.95 -19.82 11.33
CA THR A 380 -2.38 -19.83 11.32
C THR A 380 -2.96 -20.64 10.14
N ASP A 381 -4.27 -20.75 10.16
CA ASP A 381 -5.03 -21.25 9.00
C ASP A 381 -4.71 -20.44 7.68
N LYS A 382 -4.97 -21.07 6.58
CA LYS A 382 -4.56 -20.57 5.29
C LYS A 382 -5.69 -20.01 4.46
N GLU A 383 -6.86 -19.86 5.04
CA GLU A 383 -8.02 -19.50 4.22
C GLU A 383 -7.81 -18.16 3.46
N LEU A 384 -7.33 -17.14 4.15
CA LEU A 384 -7.09 -15.84 3.52
C LEU A 384 -5.80 -15.82 2.70
N ILE A 385 -4.80 -16.59 3.12
CA ILE A 385 -3.61 -16.70 2.32
C ILE A 385 -3.96 -17.27 0.94
N ASP A 386 -4.68 -18.37 0.94
CA ASP A 386 -5.08 -18.98 -0.34
C ASP A 386 -5.96 -18.07 -1.23
N TYR A 387 -6.82 -17.29 -0.55
CA TYR A 387 -7.70 -16.34 -1.22
C TYR A 387 -6.93 -15.23 -1.88
N VAL A 388 -6.01 -14.65 -1.12
CA VAL A 388 -5.11 -13.62 -1.67
C VAL A 388 -4.27 -14.13 -2.81
N THR A 389 -3.79 -15.36 -2.65
CA THR A 389 -3.05 -16.02 -3.68
C THR A 389 -3.82 -16.07 -5.03
N LYS A 390 -5.10 -16.47 -4.96
CA LYS A 390 -5.90 -16.53 -6.15
C LYS A 390 -6.15 -15.13 -6.75
N LEU A 391 -6.37 -14.15 -5.88
CA LEU A 391 -6.61 -12.77 -6.35
C LEU A 391 -5.38 -12.24 -7.03
N GLY A 392 -4.23 -12.52 -6.44
CA GLY A 392 -2.98 -12.02 -7.09
C GLY A 392 -2.68 -12.74 -8.37
N GLU A 393 -2.98 -14.06 -8.43
CA GLU A 393 -2.93 -14.80 -9.70
C GLU A 393 -3.84 -14.24 -10.80
N LEU A 394 -5.04 -13.86 -10.42
CA LEU A 394 -5.98 -13.33 -11.41
C LEU A 394 -5.61 -11.95 -11.85
N ARG A 395 -5.17 -11.12 -10.94
CA ARG A 395 -4.74 -9.79 -11.38
C ARG A 395 -3.49 -9.89 -12.32
N ALA A 396 -2.63 -10.87 -12.08
CA ALA A 396 -1.46 -11.10 -12.99
C ALA A 396 -1.97 -11.60 -14.35
N LYS A 397 -2.94 -12.50 -14.33
CA LYS A 397 -3.42 -13.14 -15.52
C LYS A 397 -4.31 -12.29 -16.41
N LEU A 398 -5.12 -11.40 -15.84
CA LEU A 398 -6.15 -10.64 -16.57
C LEU A 398 -5.68 -9.19 -16.76
N PRO A 399 -5.17 -8.87 -17.94
CA PRO A 399 -4.63 -7.55 -18.15
C PRO A 399 -5.67 -6.46 -17.98
N SER A 400 -6.96 -6.81 -18.08
CA SER A 400 -8.00 -5.83 -17.86
C SER A 400 -7.96 -5.41 -16.38
N LEU A 401 -7.51 -6.24 -15.47
CA LEU A 401 -7.46 -5.81 -14.05
C LEU A 401 -6.25 -4.86 -13.74
N ARG A 402 -5.22 -4.89 -14.58
CA ARG A 402 -4.05 -4.01 -14.43
C ARG A 402 -4.07 -2.75 -15.29
N ARG A 403 -4.72 -2.84 -16.46
CA ARG A 403 -4.68 -1.86 -17.46
C ARG A 403 -6.02 -1.49 -18.03
N GLY A 404 -7.12 -2.16 -17.61
CA GLY A 404 -8.34 -1.92 -18.33
C GLY A 404 -8.93 -0.60 -17.84
N ASP A 405 -9.97 -0.16 -18.52
CA ASP A 405 -10.82 0.91 -18.06
C ASP A 405 -11.74 0.28 -16.94
N PHE A 406 -12.62 1.07 -16.36
CA PHE A 406 -13.35 0.67 -15.13
C PHE A 406 -14.68 1.40 -15.20
N GLU A 407 -15.73 0.64 -15.45
CA GLU A 407 -17.11 1.10 -15.54
C GLU A 407 -17.98 0.53 -14.48
N LEU A 408 -18.91 1.32 -14.01
CA LEU A 408 -19.90 0.86 -13.12
C LEU A 408 -21.22 0.47 -13.91
N LEU A 409 -21.60 -0.79 -13.87
CA LEU A 409 -22.82 -1.27 -14.50
C LEU A 409 -24.01 -1.21 -13.60
N TYR A 410 -23.83 -1.44 -12.31
CA TYR A 410 -24.95 -1.56 -11.37
C TYR A 410 -24.40 -1.34 -9.97
N GLU A 411 -25.11 -0.56 -9.17
CA GLU A 411 -24.83 -0.58 -7.75
C GLU A 411 -26.07 -0.32 -6.95
N LYS A 412 -26.36 -1.22 -6.04
CA LYS A 412 -27.51 -0.97 -5.16
C LYS A 412 -27.32 -1.54 -3.74
N ASP A 413 -27.17 -0.62 -2.79
CA ASP A 413 -27.08 -0.87 -1.36
C ASP A 413 -26.05 -1.92 -1.01
N GLY A 414 -24.96 -1.94 -1.77
CA GLY A 414 -23.93 -2.94 -1.54
C GLY A 414 -23.73 -4.05 -2.57
N MET A 415 -24.72 -4.25 -3.44
CA MET A 415 -24.59 -5.15 -4.56
C MET A 415 -24.08 -4.41 -5.79
N ALA A 416 -22.89 -4.78 -6.27
CA ALA A 416 -22.21 -4.00 -7.25
C ALA A 416 -21.74 -4.84 -8.41
N LEU A 417 -21.82 -4.28 -9.59
CA LEU A 417 -21.25 -4.87 -10.80
C LEU A 417 -20.40 -3.82 -11.49
N PHE A 418 -19.17 -4.18 -11.82
CA PHE A 418 -18.24 -3.37 -12.58
C PHE A 418 -17.75 -4.12 -13.79
N LYS A 419 -17.34 -3.39 -14.81
CA LYS A 419 -16.86 -3.98 -16.05
C LYS A 419 -15.49 -3.35 -16.35
N ARG A 420 -14.57 -4.14 -16.87
CA ARG A 420 -13.22 -3.65 -17.23
C ARG A 420 -12.86 -4.22 -18.58
N THR A 421 -12.36 -3.38 -19.47
CA THR A 421 -11.98 -3.85 -20.81
C THR A 421 -10.57 -3.43 -21.08
N TYR A 422 -9.79 -4.34 -21.66
CA TYR A 422 -8.47 -4.06 -22.16
C TYR A 422 -8.32 -4.87 -23.47
N GLU A 423 -8.11 -4.17 -24.58
CA GLU A 423 -8.01 -4.81 -25.91
C GLU A 423 -9.17 -5.77 -26.06
N LYS A 424 -8.94 -7.06 -26.28
CA LYS A 424 -10.02 -8.00 -26.49
C LYS A 424 -10.61 -8.68 -25.23
N GLU A 425 -10.23 -8.24 -24.04
CA GLU A 425 -10.64 -8.91 -22.79
C GLU A 425 -11.67 -8.05 -22.06
N THR A 426 -12.82 -8.62 -21.76
CA THR A 426 -13.73 -7.98 -20.87
C THR A 426 -13.96 -8.85 -19.62
N THR A 427 -13.78 -8.26 -18.44
CA THR A 427 -14.10 -8.86 -17.16
C THR A 427 -15.23 -8.11 -16.51
N VAL A 428 -15.98 -8.83 -15.70
CA VAL A 428 -17.03 -8.28 -14.84
C VAL A 428 -16.73 -8.66 -13.41
N ILE A 429 -16.75 -7.69 -12.54
CA ILE A 429 -16.50 -7.94 -11.13
C ILE A 429 -17.81 -7.74 -10.41
N ALA A 430 -18.24 -8.77 -9.70
CA ALA A 430 -19.49 -8.76 -8.92
C ALA A 430 -19.20 -8.92 -7.47
N ILE A 431 -19.61 -7.92 -6.69
CA ILE A 431 -19.45 -7.98 -5.24
C ILE A 431 -20.81 -7.77 -4.56
N ASN A 432 -21.28 -8.79 -3.90
CA ASN A 432 -22.52 -8.73 -3.11
C ASN A 432 -22.23 -8.41 -1.65
N ASN A 433 -22.05 -7.13 -1.32
CA ASN A 433 -21.90 -6.70 0.05
C ASN A 433 -23.26 -6.43 0.71
N THR A 434 -24.18 -7.35 0.53
CA THR A 434 -25.45 -7.30 1.20
C THR A 434 -25.70 -8.60 1.89
N SER A 435 -26.74 -8.53 2.74
CA SER A 435 -27.09 -9.66 3.60
CA SER A 435 -27.16 -9.63 3.60
C SER A 435 -28.07 -10.65 2.95
N LYS A 436 -28.29 -10.53 1.65
CA LYS A 436 -29.17 -11.48 0.97
C LYS A 436 -28.64 -11.91 -0.33
N THR A 437 -29.22 -12.98 -0.85
CA THR A 437 -28.92 -13.46 -2.19
C THR A 437 -29.44 -12.35 -3.09
N GLN A 438 -28.66 -11.98 -4.11
CA GLN A 438 -29.08 -10.94 -5.06
C GLN A 438 -29.03 -11.48 -6.46
N LYS A 439 -30.05 -11.17 -7.24
CA LYS A 439 -30.04 -11.46 -8.67
C LYS A 439 -30.11 -10.13 -9.36
N VAL A 440 -29.21 -9.90 -10.30
CA VAL A 440 -29.18 -8.68 -11.03
C VAL A 440 -29.10 -9.09 -12.48
N THR A 441 -30.01 -8.55 -13.29
CA THR A 441 -30.09 -8.94 -14.68
C THR A 441 -29.44 -7.88 -15.55
N LEU A 442 -28.43 -8.21 -16.32
CA LEU A 442 -27.95 -7.25 -17.29
C LEU A 442 -28.58 -7.51 -18.63
N ASP A 443 -28.89 -6.44 -19.32
CA ASP A 443 -29.68 -6.53 -20.56
C ASP A 443 -29.27 -5.38 -21.43
N GLY A 444 -28.20 -5.57 -22.19
CA GLY A 444 -27.62 -4.54 -23.02
C GLY A 444 -26.22 -4.15 -22.61
N GLU A 445 -25.93 -4.24 -21.31
CA GLU A 445 -24.68 -3.75 -20.81
C GLU A 445 -23.53 -4.62 -21.22
N LEU A 446 -23.81 -5.86 -21.61
CA LEU A 446 -22.83 -6.74 -22.27
C LEU A 446 -23.33 -7.24 -23.60
N GLU A 447 -22.40 -7.50 -24.50
CA GLU A 447 -22.66 -8.14 -25.77
C GLU A 447 -23.44 -9.45 -25.58
N GLN A 448 -24.44 -9.61 -26.46
CA GLN A 448 -25.34 -10.76 -26.45
C GLN A 448 -24.62 -12.01 -26.78
N GLY A 449 -25.15 -13.14 -26.31
CA GLY A 449 -24.81 -14.42 -26.91
C GLY A 449 -23.54 -15.04 -26.41
N LYS A 450 -23.05 -14.55 -25.27
CA LYS A 450 -21.83 -15.07 -24.70
C LYS A 450 -22.06 -15.69 -23.32
N GLU A 451 -20.97 -15.99 -22.62
CA GLU A 451 -21.13 -16.42 -21.25
C GLU A 451 -20.05 -15.79 -20.36
N LEU A 452 -20.42 -15.64 -19.11
CA LEU A 452 -19.51 -15.11 -18.13
C LEU A 452 -19.03 -16.29 -17.33
N ARG A 453 -17.72 -16.48 -17.39
CA ARG A 453 -17.04 -17.56 -16.67
C ARG A 453 -16.35 -17.02 -15.40
N GLY A 454 -16.76 -17.54 -14.26
CA GLY A 454 -16.35 -17.09 -12.94
C GLY A 454 -15.01 -17.71 -12.57
N LEU A 455 -13.99 -16.89 -12.47
CA LEU A 455 -12.59 -17.35 -12.33
C LEU A 455 -12.14 -17.40 -10.89
N LEU A 456 -12.94 -16.84 -10.00
CA LEU A 456 -12.60 -16.82 -8.61
C LEU A 456 -13.33 -17.95 -7.90
N ALA A 457 -14.60 -18.17 -8.24
CA ALA A 457 -15.40 -19.19 -7.58
C ALA A 457 -16.17 -20.11 -8.51
N GLY A 458 -15.85 -20.12 -9.76
CA GLY A 458 -16.40 -21.14 -10.60
C GLY A 458 -17.82 -20.94 -11.10
N ASP A 459 -18.32 -19.71 -10.97
CA ASP A 459 -19.70 -19.48 -11.36
C ASP A 459 -19.80 -19.47 -12.92
N LEU A 460 -21.04 -19.58 -13.40
CA LEU A 460 -21.33 -19.58 -14.80
C LEU A 460 -22.63 -18.83 -15.06
N VAL A 461 -22.57 -17.81 -15.93
CA VAL A 461 -23.77 -17.03 -16.30
C VAL A 461 -23.83 -17.01 -17.83
N ARG A 462 -24.86 -17.65 -18.39
CA ARG A 462 -25.06 -17.65 -19.85
C ARG A 462 -26.09 -16.66 -20.31
N SER A 463 -25.76 -15.98 -21.40
CA SER A 463 -26.70 -15.11 -22.07
C SER A 463 -27.97 -15.92 -22.33
N LYS A 464 -29.10 -15.41 -21.87
CA LYS A 464 -30.41 -15.99 -22.23
C LYS A 464 -31.24 -14.84 -22.74
N ASP A 465 -31.63 -14.95 -24.01
CA ASP A 465 -32.39 -13.90 -24.72
C ASP A 465 -31.70 -12.56 -24.48
N GLY A 466 -30.39 -12.60 -24.67
CA GLY A 466 -29.62 -11.37 -24.65
C GLY A 466 -29.34 -10.82 -23.26
N LYS A 467 -29.75 -11.56 -22.21
CA LYS A 467 -29.65 -11.07 -20.82
C LYS A 467 -28.74 -12.01 -20.00
N TYR A 468 -28.11 -11.46 -18.98
CA TYR A 468 -27.25 -12.23 -18.05
C TYR A 468 -27.79 -12.07 -16.66
N ASP A 469 -28.25 -13.16 -16.07
CA ASP A 469 -28.75 -13.09 -14.70
C ASP A 469 -27.64 -13.46 -13.78
N ILE A 470 -27.05 -12.48 -13.12
CA ILE A 470 -25.98 -12.72 -12.14
C ILE A 470 -26.60 -12.91 -10.79
N ILE A 471 -26.40 -14.12 -10.22
CA ILE A 471 -26.84 -14.43 -8.89
C ILE A 471 -25.67 -14.70 -7.93
N LEU A 472 -25.59 -13.92 -6.85
CA LEU A 472 -24.63 -14.09 -5.80
C LEU A 472 -25.33 -14.29 -4.49
N ASP A 473 -24.87 -15.29 -3.75
CA ASP A 473 -25.33 -15.46 -2.39
C ASP A 473 -24.80 -14.34 -1.53
N ARG A 474 -25.37 -14.15 -0.34
CA ARG A 474 -24.98 -13.00 0.47
C ARG A 474 -23.47 -12.98 0.76
N GLU A 475 -22.89 -11.80 0.74
CA GLU A 475 -21.49 -11.61 1.12
C GLU A 475 -20.52 -12.49 0.36
N THR A 476 -20.70 -12.59 -0.96
CA THR A 476 -19.75 -13.26 -1.81
C THR A 476 -19.33 -12.37 -2.93
N ALA A 477 -18.32 -12.82 -3.66
CA ALA A 477 -17.83 -12.12 -4.81
C ALA A 477 -17.40 -13.07 -5.93
N GLU A 478 -17.32 -12.53 -7.16
CA GLU A 478 -16.88 -13.29 -8.33
C GLU A 478 -16.27 -12.35 -9.33
N ILE A 479 -15.30 -12.87 -10.07
CA ILE A 479 -14.66 -12.15 -11.13
C ILE A 479 -14.83 -13.04 -12.35
N TYR A 480 -15.54 -12.55 -13.32
CA TYR A 480 -15.84 -13.25 -14.51
C TYR A 480 -15.07 -12.72 -15.67
N VAL A 481 -14.80 -13.61 -16.62
CA VAL A 481 -14.36 -13.23 -17.94
C VAL A 481 -15.52 -13.55 -18.91
N LEU A 482 -15.72 -12.64 -19.85
CA LEU A 482 -16.70 -12.85 -20.88
C LEU A 482 -16.07 -13.68 -22.01
N ALA A 483 -16.78 -14.71 -22.44
CA ALA A 483 -16.19 -15.64 -23.37
C ALA A 483 -17.29 -16.31 -24.17
N PRO A 484 -16.90 -17.05 -25.20
CA PRO A 484 -17.91 -17.73 -25.99
C PRO A 484 -18.79 -18.73 -25.17
N LYS A 485 -20.06 -18.89 -25.49
CA LYS A 485 -20.91 -19.99 -24.96
C LYS A 485 -20.35 -21.41 -25.10
N THR A 486 -20.37 -22.14 -23.99
CA THR A 486 -19.97 -23.53 -24.01
C THR A 486 -21.24 -24.37 -23.70
N GLY A 487 -21.09 -25.65 -23.42
CA GLY A 487 -22.28 -26.55 -23.47
C GLY A 487 -21.76 -27.96 -23.35
N LEU A 488 -22.65 -28.95 -23.25
CA LEU A 488 -22.12 -30.31 -23.04
C LEU A 488 -21.53 -31.07 -24.29
C1 GLC B . 4.85 8.80 8.39
C2 GLC B . 4.68 7.32 8.83
C3 GLC B . 4.22 7.25 10.29
C4 GLC B . 5.28 8.02 11.09
C5 GLC B . 5.56 9.43 10.63
C6 GLC B . 6.87 9.94 11.21
O1 GLC B . 3.65 9.53 8.08
O2 GLC B . 3.94 6.58 7.88
O3 GLC B . 4.31 5.91 10.74
O4 GLC B . 4.93 8.09 12.46
O5 GLC B . 5.71 9.54 9.25
O6 GLC B . 7.89 9.89 10.19
C1 GLC B . 6.08 7.64 13.18
C2 GLC B . 5.81 6.38 13.99
C3 GLC B . 4.76 6.65 15.02
C4 GLC B . 5.29 7.76 15.91
C5 GLC B . 5.55 9.02 15.05
C6 GLC B . 6.06 10.30 15.75
O2 GLC B . 5.36 5.36 13.13
O3 GLC B . 4.50 5.49 15.78
O4 GLC B . 4.27 8.02 16.85
O5 GLC B . 6.49 8.69 14.03
O6 GLC B . 7.06 10.05 16.73
CA CA C . 9.24 20.15 7.13
CA CA D . 16.31 -10.16 15.65
CA CA E . 19.51 1.86 17.32
CA CA F . -27.37 2.73 -7.91
#